data_6Q11
#
_entry.id   6Q11
#
_cell.length_a   137.951
_cell.length_b   137.951
_cell.length_c   137.951
_cell.angle_alpha   90.00
_cell.angle_beta   90.00
_cell.angle_gamma   90.00
#
_symmetry.space_group_name_H-M   'I 2 3'
#
loop_
_entity.id
_entity.type
_entity.pdbx_description
1 polymer 'UDP-N-acetylglucosamine 1-carboxyvinyltransferase'
2 non-polymer 'URIDINE-DIPHOSPHATE-2(N-ACETYLGLUCOSAMINYL) BUTYRIC ACID'
3 non-polymer 1,2-ETHANEDIOL
4 non-polymer 'SODIUM ION'
5 water water
#
_entity_poly.entity_id   1
_entity_poly.type   'polypeptide(L)'
_entity_poly.pdbx_seq_one_letter_code
;GGGMMAKIIVKKSNPLKGSVKIDGAKNAVLPIIAATLLANGKSTLNGVPNLRDVHVISDLLRHVGAEVEYKENTLTVDAS
NIKTCEAPYELVRKMRASFLVMGPLLARFNSTKISMPGGSAIGTRPIDLHLKGFKALGAKIEMDHGFVEAATEKLVGNKL
YLDFPSVGATENIMMAASLAEGTTIIENAAEEPEIVDLANFLNEMGADVKGAGTNTIKIKGVKELKGAEHNVIPDRIEAA
TYMVAAAMTKGDITVENVLMEHLKPVVAKLREAGCEITEMDNSVRVVGPKVLKPIDIKTLPHPGFPTDVQAQFMAMLTVA
NGTGVVIETVFENRFMHVAEFNRMGANIKIDGRSAVVNGVDELHGAAVNATDLRAGAALILCGLIAEGETQIGEIYHIQR
GYVDIDKKITALGGQIEIVED
;
_entity_poly.pdbx_strand_id   A
#
# COMPACT_ATOMS: atom_id res chain seq x y z
N MET A 5 -9.09 -17.81 -18.39
CA MET A 5 -9.54 -17.06 -17.19
C MET A 5 -9.56 -15.56 -17.51
N ALA A 6 -9.87 -14.77 -16.50
CA ALA A 6 -10.33 -13.39 -16.68
C ALA A 6 -9.22 -12.49 -17.25
N LYS A 7 -9.66 -11.50 -18.02
CA LYS A 7 -8.74 -10.53 -18.61
C LYS A 7 -9.33 -9.14 -18.45
N ILE A 8 -8.45 -8.13 -18.46
CA ILE A 8 -8.90 -6.74 -18.64
C ILE A 8 -8.52 -6.33 -20.06
N ILE A 9 -9.49 -5.83 -20.82
CA ILE A 9 -9.29 -5.40 -22.20
C ILE A 9 -9.34 -3.88 -22.19
N VAL A 10 -8.22 -3.27 -22.57
CA VAL A 10 -8.13 -1.83 -22.63
C VAL A 10 -7.89 -1.47 -24.10
N LYS A 11 -8.51 -0.43 -24.59
CA LYS A 11 -8.25 0.03 -25.94
C LYS A 11 -7.73 1.45 -25.90
N LYS A 12 -7.01 1.83 -26.96
CA LYS A 12 -6.57 3.21 -27.11
C LYS A 12 -7.75 4.12 -26.76
N SER A 13 -7.53 5.08 -25.87
CA SER A 13 -8.66 5.79 -25.27
C SER A 13 -8.57 7.28 -25.52
N ASN A 14 -9.68 7.93 -25.26
CA ASN A 14 -9.75 9.35 -25.29
C ASN A 14 -8.94 9.88 -24.12
N PRO A 15 -8.51 11.14 -24.20
CA PRO A 15 -7.97 11.77 -22.99
C PRO A 15 -8.94 11.67 -21.81
N LEU A 16 -8.44 11.30 -20.63
CA LEU A 16 -9.35 11.11 -19.51
C LEU A 16 -9.77 12.49 -19.00
N LYS A 17 -11.05 12.65 -18.69
CA LYS A 17 -11.60 13.94 -18.26
C LYS A 17 -12.73 13.72 -17.27
N GLY A 18 -12.80 14.55 -16.24
CA GLY A 18 -13.85 14.45 -15.21
C GLY A 18 -13.27 14.30 -13.80
N SER A 19 -14.07 13.74 -12.91
CA SER A 19 -13.70 13.59 -11.52
C SER A 19 -13.67 12.12 -11.14
N VAL A 20 -12.76 11.77 -10.27
CA VAL A 20 -12.78 10.44 -9.74
C VAL A 20 -12.66 10.58 -8.23
N LYS A 21 -13.52 9.88 -7.50
CA LYS A 21 -13.44 9.78 -6.06
C LYS A 21 -12.47 8.67 -5.67
N ILE A 22 -11.58 9.00 -4.76
CA ILE A 22 -10.60 8.08 -4.27
C ILE A 22 -11.16 7.35 -3.04
N ASP A 23 -10.87 6.04 -2.93
CA ASP A 23 -11.32 5.22 -1.81
C ASP A 23 -10.34 5.35 -0.64
N GLY A 24 -10.73 4.74 0.48
CA GLY A 24 -9.88 4.62 1.63
C GLY A 24 -8.64 3.82 1.33
N ALA A 25 -7.56 4.17 2.03
CA ALA A 25 -6.22 3.62 1.75
C ALA A 25 -6.13 2.15 2.17
N LYS A 26 -5.80 1.30 1.19
CA LYS A 26 -5.55 -0.08 1.48
C LYS A 26 -4.50 -0.20 2.60
N ASN A 27 -3.43 0.57 2.45
CA ASN A 27 -2.26 0.36 3.25
C ASN A 27 -2.42 1.10 4.58
N ALA A 28 -3.46 1.88 4.75
CA ALA A 28 -3.78 2.39 6.12
C ALA A 28 -4.71 1.38 6.81
N VAL A 29 -5.67 0.90 6.06
CA VAL A 29 -6.73 0.12 6.68
C VAL A 29 -6.17 -1.23 7.14
N LEU A 30 -5.17 -1.82 6.45
CA LEU A 30 -4.75 -3.17 6.85
C LEU A 30 -4.10 -3.14 8.25
N PRO A 31 -3.17 -2.21 8.51
CA PRO A 31 -2.65 -2.21 9.91
C PRO A 31 -3.67 -1.73 10.97
N ILE A 32 -4.58 -0.84 10.59
CA ILE A 32 -5.60 -0.37 11.50
C ILE A 32 -6.59 -1.49 11.84
N ILE A 33 -6.92 -2.36 10.89
CA ILE A 33 -7.73 -3.52 11.19
C ILE A 33 -6.96 -4.47 12.15
N ALA A 34 -5.68 -4.68 11.90
CA ALA A 34 -4.90 -5.49 12.84
C ALA A 34 -4.95 -4.85 14.24
N ALA A 35 -4.88 -3.53 14.29
CA ALA A 35 -4.83 -2.79 15.58
C ALA A 35 -6.14 -2.94 16.38
N THR A 36 -7.27 -3.20 15.74
CA THR A 36 -8.51 -3.40 16.50
C THR A 36 -8.37 -4.56 17.48
N LEU A 37 -7.50 -5.52 17.19
CA LEU A 37 -7.28 -6.67 18.06
C LEU A 37 -6.70 -6.24 19.43
N LEU A 38 -6.16 -5.02 19.53
CA LEU A 38 -5.55 -4.54 20.77
C LEU A 38 -6.63 -4.26 21.81
N ALA A 39 -7.86 -3.95 21.38
CA ALA A 39 -8.89 -3.38 22.24
C ALA A 39 -9.84 -4.47 22.72
N ASN A 40 -10.19 -4.38 24.01
CA ASN A 40 -11.27 -5.19 24.58
C ASN A 40 -12.54 -4.36 24.36
N GLY A 41 -13.29 -4.70 23.32
CA GLY A 41 -14.44 -3.86 22.92
C GLY A 41 -14.51 -3.71 21.41
N LYS A 42 -15.41 -2.81 21.00
CA LYS A 42 -15.80 -2.76 19.59
C LYS A 42 -15.31 -1.49 18.91
N SER A 43 -14.59 -1.65 17.77
CA SER A 43 -14.12 -0.51 16.96
C SER A 43 -14.99 -0.36 15.72
N THR A 44 -15.08 0.86 15.20
CA THR A 44 -15.82 1.13 13.99
C THR A 44 -14.88 1.88 13.04
N LEU A 45 -14.60 1.28 11.89
CA LEU A 45 -13.72 1.88 10.89
C LEU A 45 -14.57 2.29 9.69
N ASN A 46 -14.54 3.58 9.40
CA ASN A 46 -15.23 4.14 8.28
C ASN A 46 -14.22 4.40 7.16
N GLY A 47 -14.72 4.40 5.92
CA GLY A 47 -13.89 4.63 4.73
C GLY A 47 -13.05 3.42 4.36
N VAL A 48 -13.57 2.23 4.61
CA VAL A 48 -12.85 0.96 4.35
C VAL A 48 -13.10 0.59 2.88
N PRO A 49 -12.03 0.45 2.10
CA PRO A 49 -12.21 0.12 0.71
C PRO A 49 -12.65 -1.33 0.54
N ASN A 50 -13.52 -1.56 -0.42
CA ASN A 50 -14.09 -2.90 -0.59
C ASN A 50 -13.13 -3.73 -1.45
N LEU A 51 -12.09 -4.27 -0.83
CA LEU A 51 -10.99 -4.92 -1.48
C LEU A 51 -10.84 -6.30 -0.90
N ARG A 52 -10.39 -7.21 -1.75
CA ARG A 52 -10.08 -8.57 -1.37
CA ARG A 52 -10.07 -8.57 -1.38
C ARG A 52 -9.11 -8.60 -0.18
N ASP A 53 -8.06 -7.80 -0.15
CA ASP A 53 -7.10 -7.89 0.99
C ASP A 53 -7.79 -7.49 2.32
N VAL A 54 -8.73 -6.58 2.28
CA VAL A 54 -9.53 -6.27 3.45
C VAL A 54 -10.30 -7.52 3.89
N HIS A 55 -10.86 -8.28 2.95
CA HIS A 55 -11.66 -9.44 3.35
C HIS A 55 -10.74 -10.55 3.87
N VAL A 56 -9.53 -10.65 3.34
CA VAL A 56 -8.62 -11.69 3.82
C VAL A 56 -8.22 -11.39 5.25
N ILE A 57 -7.82 -10.16 5.55
CA ILE A 57 -7.38 -9.89 6.92
C ILE A 57 -8.60 -9.95 7.86
N SER A 58 -9.78 -9.64 7.35
CA SER A 58 -11.03 -9.82 8.14
C SER A 58 -11.18 -11.30 8.52
N ASP A 59 -10.94 -12.19 7.57
CA ASP A 59 -11.05 -13.60 7.86
C ASP A 59 -9.94 -14.02 8.82
N LEU A 60 -8.78 -13.37 8.78
CA LEU A 60 -7.76 -13.70 9.78
C LEU A 60 -8.24 -13.31 11.19
N LEU A 61 -8.88 -12.15 11.32
CA LEU A 61 -9.43 -11.72 12.62
C LEU A 61 -10.51 -12.71 13.08
N ARG A 62 -11.29 -13.21 12.13
CA ARG A 62 -12.33 -14.20 12.49
C ARG A 62 -11.67 -15.47 13.02
N HIS A 63 -10.58 -15.88 12.37
CA HIS A 63 -9.89 -17.08 12.74
C HIS A 63 -9.40 -16.99 14.20
N VAL A 64 -9.00 -15.81 14.65
CA VAL A 64 -8.44 -15.74 16.03
C VAL A 64 -9.55 -15.43 17.02
N GLY A 65 -10.73 -15.09 16.52
CA GLY A 65 -11.93 -15.08 17.34
C GLY A 65 -12.58 -13.73 17.45
N ALA A 66 -12.16 -12.73 16.67
CA ALA A 66 -12.83 -11.45 16.75
C ALA A 66 -14.15 -11.52 15.98
N GLU A 67 -15.12 -10.70 16.36
CA GLU A 67 -16.37 -10.55 15.62
C GLU A 67 -16.23 -9.42 14.59
N VAL A 68 -16.36 -9.74 13.30
CA VAL A 68 -16.13 -8.77 12.21
C VAL A 68 -17.38 -8.63 11.35
N GLU A 69 -17.80 -7.39 11.10
CA GLU A 69 -18.90 -7.13 10.20
C GLU A 69 -18.52 -6.00 9.24
N TYR A 70 -18.75 -6.23 7.97
CA TYR A 70 -18.47 -5.24 6.96
C TYR A 70 -19.77 -4.84 6.29
N LYS A 71 -20.04 -3.55 6.14
CA LYS A 71 -21.03 -3.17 5.17
C LYS A 71 -20.89 -1.71 4.75
N GLU A 72 -21.03 -1.50 3.44
CA GLU A 72 -21.04 -0.18 2.84
C GLU A 72 -19.87 0.67 3.38
N ASN A 73 -18.67 0.16 3.24
CA ASN A 73 -17.44 0.91 3.60
C ASN A 73 -17.29 1.14 5.10
N THR A 74 -18.02 0.40 5.97
CA THR A 74 -17.76 0.44 7.40
C THR A 74 -17.45 -0.98 7.85
N LEU A 75 -16.38 -1.11 8.62
CA LEU A 75 -16.04 -2.38 9.19
C LEU A 75 -16.08 -2.26 10.71
N THR A 76 -16.78 -3.14 11.40
CA THR A 76 -16.75 -3.18 12.85
C THR A 76 -16.02 -4.43 13.31
N VAL A 77 -15.29 -4.28 14.40
CA VAL A 77 -14.58 -5.36 15.00
C VAL A 77 -14.81 -5.34 16.50
N ASP A 78 -15.25 -6.48 17.04
CA ASP A 78 -15.25 -6.70 18.49
C ASP A 78 -14.22 -7.79 18.82
N ALA A 79 -13.18 -7.34 19.52
CA ALA A 79 -12.02 -8.12 19.84
C ALA A 79 -12.06 -8.48 21.34
N SER A 80 -13.25 -8.32 21.93
CA SER A 80 -13.47 -8.55 23.37
C SER A 80 -13.03 -9.95 23.78
N ASN A 81 -13.36 -10.93 22.97
CA ASN A 81 -13.18 -12.28 23.38
C ASN A 81 -12.43 -13.07 22.29
N ILE A 82 -11.19 -12.63 22.06
CA ILE A 82 -10.23 -13.37 21.25
CA ILE A 82 -10.21 -13.37 21.24
C ILE A 82 -9.94 -14.71 21.91
N LYS A 83 -9.77 -15.73 21.10
CA LYS A 83 -9.61 -17.08 21.58
C LYS A 83 -8.19 -17.58 21.30
N THR A 84 -7.63 -17.28 20.13
CA THR A 84 -6.45 -18.00 19.68
C THR A 84 -5.43 -16.98 19.17
N CYS A 85 -4.15 -17.33 19.12
CA CYS A 85 -3.10 -16.36 18.73
CA CYS A 85 -3.10 -16.35 18.73
C CYS A 85 -2.19 -16.92 17.63
N GLU A 86 -2.75 -17.79 16.78
CA GLU A 86 -2.02 -18.40 15.65
C GLU A 86 -2.56 -17.89 14.30
N ALA A 87 -1.66 -17.43 13.41
CA ALA A 87 -1.98 -17.06 12.00
C ALA A 87 -1.49 -18.19 11.06
N PRO A 88 -2.44 -18.97 10.49
CA PRO A 88 -2.09 -20.18 9.72
C PRO A 88 -1.42 -19.85 8.37
N TYR A 89 -0.71 -20.83 7.84
CA TYR A 89 0.09 -20.64 6.62
C TYR A 89 -0.76 -20.07 5.48
N GLU A 90 -2.00 -20.50 5.33
CA GLU A 90 -2.78 -20.18 4.08
C GLU A 90 -3.14 -18.69 4.02
N LEU A 91 -3.38 -18.10 5.19
CA LEU A 91 -3.79 -16.71 5.24
C LEU A 91 -2.59 -15.78 5.03
N VAL A 92 -1.43 -16.12 5.59
CA VAL A 92 -0.26 -15.31 5.37
C VAL A 92 0.20 -15.49 3.91
N ARG A 93 0.16 -16.72 3.39
CA ARG A 93 0.51 -16.98 1.98
C ARG A 93 -0.40 -16.11 1.10
N LYS A 94 -1.68 -15.98 1.42
CA LYS A 94 -2.58 -15.21 0.57
C LYS A 94 -2.28 -13.71 0.63
N MET A 95 -1.74 -13.22 1.74
CA MET A 95 -1.68 -11.77 1.90
C MET A 95 -0.71 -11.45 3.03
N ARG A 96 0.46 -10.93 2.72
CA ARG A 96 1.55 -10.97 3.70
C ARG A 96 1.34 -9.90 4.79
N ALA A 97 0.50 -8.90 4.56
CA ALA A 97 0.15 -7.96 5.61
C ALA A 97 -0.55 -8.66 6.80
N SER A 98 -1.00 -9.90 6.59
CA SER A 98 -1.42 -10.79 7.69
C SER A 98 -0.45 -10.73 8.88
N PHE A 99 0.84 -10.61 8.57
CA PHE A 99 1.89 -10.61 9.56
C PHE A 99 1.71 -9.48 10.62
N LEU A 100 0.95 -8.45 10.29
CA LEU A 100 0.73 -7.30 11.17
C LEU A 100 -0.17 -7.64 12.35
N VAL A 101 -0.75 -8.84 12.41
CA VAL A 101 -1.47 -9.21 13.67
C VAL A 101 -0.48 -9.68 14.74
N MET A 102 0.76 -9.91 14.35
CA MET A 102 1.71 -10.45 15.34
C MET A 102 1.89 -9.49 16.53
N GLY A 103 2.01 -8.20 16.25
CA GLY A 103 2.25 -7.21 17.30
C GLY A 103 1.09 -7.14 18.29
N PRO A 104 -0.12 -6.93 17.79
CA PRO A 104 -1.31 -6.90 18.67
C PRO A 104 -1.49 -8.20 19.48
N LEU A 105 -1.28 -9.33 18.86
CA LEU A 105 -1.60 -10.57 19.55
C LEU A 105 -0.59 -10.78 20.67
N LEU A 106 0.66 -10.46 20.37
CA LEU A 106 1.77 -10.60 21.32
C LEU A 106 1.50 -9.71 22.55
N ALA A 107 1.07 -8.49 22.27
CA ALA A 107 0.71 -7.51 23.30
C ALA A 107 -0.52 -7.93 24.14
N ARG A 108 -1.56 -8.49 23.54
CA ARG A 108 -2.79 -8.89 24.26
C ARG A 108 -2.58 -10.19 25.04
N PHE A 109 -1.83 -11.14 24.50
CA PHE A 109 -1.83 -12.48 25.09
C PHE A 109 -0.43 -12.93 25.49
N ASN A 110 0.60 -12.13 25.24
CA ASN A 110 1.97 -12.46 25.66
C ASN A 110 2.54 -13.64 24.85
N SER A 111 1.80 -14.11 23.85
CA SER A 111 2.22 -15.26 23.07
C SER A 111 1.54 -15.15 21.70
N THR A 112 2.26 -15.51 20.63
CA THR A 112 1.68 -15.56 19.29
C THR A 112 2.55 -16.45 18.40
N LYS A 113 1.92 -17.05 17.41
CA LYS A 113 2.57 -17.91 16.44
C LYS A 113 2.06 -17.58 15.03
N ILE A 114 2.95 -17.14 14.16
CA ILE A 114 2.56 -16.52 12.91
C ILE A 114 3.36 -17.16 11.78
N SER A 115 2.70 -17.63 10.71
CA SER A 115 3.44 -18.15 9.56
C SER A 115 4.35 -17.06 8.97
N MET A 116 5.58 -17.42 8.67
CA MET A 116 6.56 -16.46 8.18
C MET A 116 6.35 -16.25 6.68
N PRO A 117 6.13 -15.00 6.26
CA PRO A 117 5.86 -14.78 4.82
C PRO A 117 6.96 -15.35 3.91
N GLY A 118 6.57 -15.96 2.81
CA GLY A 118 7.54 -16.46 1.84
C GLY A 118 7.77 -15.48 0.70
N GLY A 119 7.99 -16.02 -0.50
CA GLY A 119 8.38 -15.28 -1.66
C GLY A 119 7.37 -14.21 -1.97
N SER A 120 7.82 -13.17 -2.62
CA SER A 120 6.91 -12.14 -2.96
C SER A 120 7.16 -11.77 -4.42
N ALA A 121 6.12 -11.37 -5.11
CA ALA A 121 6.27 -10.90 -6.49
C ALA A 121 7.34 -9.80 -6.57
N ILE A 122 7.47 -8.93 -5.58
CA ILE A 122 8.32 -7.77 -5.80
C ILE A 122 9.65 -7.88 -5.05
N GLY A 123 9.92 -8.98 -4.40
CA GLY A 123 11.23 -9.14 -3.85
C GLY A 123 11.26 -10.07 -2.66
N THR A 124 12.50 -10.40 -2.29
CA THR A 124 12.82 -11.07 -1.03
C THR A 124 12.61 -10.03 0.08
N ARG A 125 11.64 -10.28 0.94
CA ARG A 125 11.18 -9.30 1.93
C ARG A 125 11.18 -9.94 3.32
N PRO A 126 12.31 -9.84 4.00
CA PRO A 126 12.44 -10.43 5.33
C PRO A 126 11.59 -9.66 6.35
N ILE A 127 11.37 -10.28 7.51
CA ILE A 127 10.63 -9.62 8.58
C ILE A 127 11.51 -9.50 9.83
N ASP A 128 12.82 -9.62 9.64
CA ASP A 128 13.84 -9.52 10.73
C ASP A 128 13.66 -8.28 11.60
N LEU A 129 13.27 -7.14 11.04
CA LEU A 129 13.18 -5.92 11.85
C LEU A 129 11.97 -5.97 12.77
N HIS A 130 10.92 -6.67 12.32
CA HIS A 130 9.78 -6.86 13.19
C HIS A 130 10.21 -7.60 14.47
N LEU A 131 10.96 -8.67 14.26
CA LEU A 131 11.39 -9.55 15.33
C LEU A 131 12.43 -8.83 16.20
N LYS A 132 13.29 -8.03 15.58
CA LYS A 132 14.24 -7.23 16.35
C LYS A 132 13.49 -6.39 17.39
N GLY A 133 12.44 -5.68 16.93
CA GLY A 133 11.63 -4.89 17.78
C GLY A 133 10.99 -5.72 18.89
N PHE A 134 10.41 -6.89 18.55
CA PHE A 134 9.71 -7.68 19.57
C PHE A 134 10.72 -8.16 20.63
N LYS A 135 11.90 -8.57 20.23
CA LYS A 135 12.91 -9.01 21.19
C LYS A 135 13.33 -7.85 22.11
N ALA A 136 13.36 -6.65 21.59
CA ALA A 136 13.76 -5.48 22.37
C ALA A 136 12.70 -5.20 23.43
N LEU A 137 11.48 -5.64 23.18
CA LEU A 137 10.42 -5.45 24.12
C LEU A 137 10.34 -6.60 25.12
N GLY A 138 11.23 -7.60 25.03
CA GLY A 138 11.27 -8.69 26.00
C GLY A 138 10.66 -9.99 25.48
N ALA A 139 10.36 -10.08 24.18
CA ALA A 139 9.82 -11.31 23.59
C ALA A 139 10.98 -12.24 23.25
N LYS A 140 10.76 -13.54 23.46
CA LYS A 140 11.68 -14.54 23.01
C LYS A 140 11.12 -15.06 21.69
N ILE A 141 11.98 -15.34 20.73
CA ILE A 141 11.51 -15.69 19.38
C ILE A 141 11.94 -17.12 19.07
N GLU A 142 11.12 -17.97 18.52
CA GLU A 142 11.72 -19.18 17.94
C GLU A 142 10.91 -19.61 16.72
N MET A 143 11.53 -20.43 15.89
CA MET A 143 10.98 -20.84 14.61
C MET A 143 10.52 -22.29 14.73
N ASP A 144 9.36 -22.55 14.20
CA ASP A 144 8.88 -23.88 14.23
C ASP A 144 8.24 -24.17 12.87
N HIS A 145 8.98 -24.84 11.98
CA HIS A 145 8.40 -25.43 10.78
C HIS A 145 7.66 -24.37 9.95
N GLY A 146 8.32 -23.22 9.75
CA GLY A 146 7.75 -22.13 8.94
C GLY A 146 7.01 -21.08 9.75
N PHE A 147 6.78 -21.33 11.04
CA PHE A 147 6.10 -20.35 11.91
C PHE A 147 7.11 -19.62 12.79
N VAL A 148 6.80 -18.39 13.09
CA VAL A 148 7.62 -17.74 14.06
C VAL A 148 6.74 -17.51 15.30
N GLU A 149 7.30 -17.90 16.44
CA GLU A 149 6.65 -17.80 17.75
C GLU A 149 7.38 -16.73 18.56
N ALA A 150 6.59 -15.92 19.21
CA ALA A 150 7.12 -14.88 20.04
C ALA A 150 6.32 -14.89 21.33
N ALA A 151 7.01 -14.91 22.48
CA ALA A 151 6.36 -15.04 23.78
C ALA A 151 7.23 -14.35 24.84
N THR A 152 6.55 -13.83 25.84
CA THR A 152 7.15 -13.06 26.90
C THR A 152 6.33 -13.25 28.19
N GLU A 153 6.91 -12.96 29.36
CA GLU A 153 6.10 -12.85 30.59
C GLU A 153 5.49 -11.45 30.68
N LYS A 154 6.12 -10.45 30.07
CA LYS A 154 5.46 -9.17 29.85
C LYS A 154 6.32 -8.30 28.94
N LEU A 155 5.65 -7.56 28.10
CA LEU A 155 6.35 -6.63 27.29
C LEU A 155 6.77 -5.43 28.14
N VAL A 156 8.00 -5.01 27.95
CA VAL A 156 8.51 -3.84 28.62
C VAL A 156 9.06 -2.87 27.56
N GLY A 157 8.64 -1.63 27.63
CA GLY A 157 9.12 -0.59 26.75
C GLY A 157 10.63 -0.52 26.71
N ASN A 158 11.17 -0.16 25.55
CA ASN A 158 12.62 -0.07 25.41
C ASN A 158 12.94 0.81 24.20
N LYS A 159 14.18 1.28 24.12
CA LYS A 159 14.63 1.97 22.93
C LYS A 159 15.02 0.93 21.89
N LEU A 160 14.63 1.16 20.65
CA LEU A 160 15.09 0.26 19.60
C LEU A 160 15.27 1.02 18.30
N TYR A 161 16.20 0.54 17.51
CA TYR A 161 16.66 1.21 16.34
C TYR A 161 16.32 0.34 15.13
N LEU A 162 15.67 0.93 14.16
CA LEU A 162 15.38 0.25 12.90
C LEU A 162 16.49 0.54 11.88
N ASP A 163 17.15 -0.53 11.42
CA ASP A 163 18.21 -0.42 10.45
C ASP A 163 17.67 0.20 9.17
N PHE A 164 16.44 -0.14 8.81
CA PHE A 164 15.74 0.47 7.69
C PHE A 164 14.40 1.01 8.22
N PRO A 165 13.90 2.15 7.70
CA PRO A 165 12.68 2.74 8.21
C PRO A 165 11.49 1.92 7.66
N SER A 166 11.42 0.66 8.06
CA SER A 166 10.41 -0.28 7.56
C SER A 166 9.00 0.17 7.98
N VAL A 167 8.13 0.28 6.99
CA VAL A 167 6.72 0.57 7.25
C VAL A 167 6.11 -0.50 8.17
N GLY A 168 6.12 -1.76 7.74
CA GLY A 168 5.55 -2.88 8.49
C GLY A 168 6.12 -3.00 9.89
N ALA A 169 7.44 -2.90 10.02
CA ALA A 169 8.08 -3.10 11.35
C ALA A 169 7.69 -1.95 12.27
N THR A 170 7.60 -0.75 11.73
CA THR A 170 7.20 0.40 12.51
C THR A 170 5.76 0.15 13.02
N GLU A 171 4.92 -0.39 12.17
CA GLU A 171 3.50 -0.62 12.53
C GLU A 171 3.40 -1.68 13.61
N ASN A 172 4.07 -2.82 13.40
CA ASN A 172 3.99 -3.98 14.26
C ASN A 172 4.53 -3.58 15.65
N ILE A 173 5.64 -2.85 15.66
CA ILE A 173 6.28 -2.51 16.94
C ILE A 173 5.45 -1.46 17.67
N MET A 174 4.94 -0.48 16.97
CA MET A 174 4.08 0.51 17.59
C MET A 174 2.88 -0.19 18.26
N MET A 175 2.24 -1.11 17.55
CA MET A 175 1.05 -1.74 18.14
C MET A 175 1.47 -2.57 19.37
N ALA A 176 2.58 -3.28 19.31
CA ALA A 176 2.95 -4.10 20.45
C ALA A 176 3.27 -3.20 21.65
N ALA A 177 3.92 -2.07 21.39
CA ALA A 177 4.39 -1.21 22.43
C ALA A 177 3.22 -0.47 23.11
N SER A 178 2.06 -0.38 22.45
CA SER A 178 0.99 0.41 22.98
C SER A 178 0.48 -0.16 24.33
N LEU A 179 0.66 -1.45 24.56
CA LEU A 179 0.21 -2.13 25.78
C LEU A 179 1.39 -2.62 26.61
N ALA A 180 2.58 -2.15 26.32
CA ALA A 180 3.75 -2.60 27.06
C ALA A 180 3.86 -1.78 28.37
N GLU A 181 4.70 -2.23 29.26
CA GLU A 181 4.93 -1.48 30.51
C GLU A 181 6.07 -0.51 30.27
N GLY A 182 5.78 0.76 30.38
CA GLY A 182 6.81 1.74 30.23
C GLY A 182 6.81 2.30 28.83
N THR A 183 7.94 2.93 28.47
CA THR A 183 8.04 3.77 27.29
C THR A 183 8.97 3.12 26.27
N THR A 184 8.49 3.04 25.06
CA THR A 184 9.24 2.53 23.92
C THR A 184 9.62 3.72 23.04
N ILE A 185 10.85 3.70 22.51
CA ILE A 185 11.21 4.68 21.51
C ILE A 185 11.63 3.95 20.23
N ILE A 186 10.94 4.28 19.14
CA ILE A 186 11.34 3.70 17.82
C ILE A 186 12.14 4.75 17.09
N GLU A 187 13.43 4.48 16.98
CA GLU A 187 14.36 5.36 16.27
C GLU A 187 14.49 4.90 14.81
N ASN A 188 14.51 5.89 13.93
CA ASN A 188 14.55 5.66 12.47
C ASN A 188 13.25 4.97 12.04
N ALA A 189 12.15 5.49 12.55
CA ALA A 189 10.79 5.07 12.17
C ALA A 189 10.42 5.48 10.74
N ALA A 190 9.53 4.69 10.16
CA ALA A 190 8.90 5.03 8.92
C ALA A 190 8.06 6.28 9.15
N GLU A 191 8.08 7.22 8.18
CA GLU A 191 7.33 8.50 8.30
C GLU A 191 6.10 8.51 7.40
N GLU A 192 5.81 7.37 6.78
CA GLU A 192 4.69 7.24 5.83
C GLU A 192 3.39 7.71 6.48
N PRO A 193 2.53 8.33 5.69
CA PRO A 193 1.22 8.79 6.17
C PRO A 193 0.36 7.70 6.85
N GLU A 194 0.51 6.46 6.44
CA GLU A 194 -0.26 5.37 7.03
C GLU A 194 0.17 5.13 8.48
N ILE A 195 1.39 5.51 8.80
CA ILE A 195 1.94 5.36 10.16
C ILE A 195 1.24 6.36 11.10
N VAL A 196 1.00 7.56 10.60
CA VAL A 196 0.30 8.62 11.32
C VAL A 196 -1.16 8.19 11.54
N ASP A 197 -1.80 7.66 10.49
CA ASP A 197 -3.21 7.20 10.61
C ASP A 197 -3.33 6.13 11.70
N LEU A 198 -2.41 5.19 11.72
CA LEU A 198 -2.42 4.14 12.69
C LEU A 198 -2.26 4.73 14.10
N ALA A 199 -1.25 5.58 14.30
CA ALA A 199 -1.01 6.21 15.57
C ALA A 199 -2.26 6.96 16.03
N ASN A 200 -2.90 7.71 15.16
CA ASN A 200 -4.10 8.43 15.49
C ASN A 200 -5.14 7.42 16.01
N PHE A 201 -5.25 6.26 15.35
CA PHE A 201 -6.24 5.30 15.76
C PHE A 201 -5.89 4.71 17.11
N LEU A 202 -4.62 4.38 17.32
CA LEU A 202 -4.22 3.91 18.64
C LEU A 202 -4.56 4.97 19.71
N ASN A 203 -4.30 6.22 19.42
CA ASN A 203 -4.57 7.25 20.42
C ASN A 203 -6.10 7.35 20.63
N GLU A 204 -6.89 7.22 19.59
CA GLU A 204 -8.33 7.23 19.75
C GLU A 204 -8.77 6.08 20.66
N MET A 205 -8.08 4.94 20.66
CA MET A 205 -8.45 3.83 21.52
C MET A 205 -7.92 4.04 22.93
N GLY A 206 -7.13 5.08 23.22
CA GLY A 206 -6.62 5.28 24.59
C GLY A 206 -5.09 5.19 24.71
N ALA A 207 -4.38 5.02 23.59
CA ALA A 207 -2.93 4.84 23.64
C ALA A 207 -2.26 6.20 23.86
N ASP A 208 -0.93 6.17 23.98
CA ASP A 208 -0.11 7.38 24.10
C ASP A 208 1.08 7.24 23.14
N VAL A 209 0.83 7.67 21.90
CA VAL A 209 1.78 7.55 20.77
C VAL A 209 2.06 8.96 20.29
N LYS A 210 3.31 9.38 20.35
CA LYS A 210 3.71 10.71 19.87
C LYS A 210 4.90 10.59 18.90
N GLY A 211 4.95 11.48 17.93
CA GLY A 211 6.03 11.51 17.01
C GLY A 211 5.73 10.84 15.69
N ALA A 212 4.54 10.23 15.54
CA ALA A 212 4.25 9.54 14.31
C ALA A 212 4.34 10.56 13.17
N GLY A 213 5.00 10.17 12.09
CA GLY A 213 5.22 11.07 10.96
C GLY A 213 6.55 11.79 11.06
N THR A 214 7.26 11.53 12.17
CA THR A 214 8.64 11.98 12.37
C THR A 214 9.57 10.76 12.40
N ASN A 215 10.87 11.02 12.53
CA ASN A 215 11.87 9.96 12.48
C ASN A 215 11.93 9.21 13.83
N THR A 216 11.19 9.67 14.84
CA THR A 216 11.25 9.05 16.16
C THR A 216 9.84 9.00 16.75
N ILE A 217 9.44 7.81 17.20
CA ILE A 217 8.11 7.60 17.76
C ILE A 217 8.29 7.14 19.20
N LYS A 218 7.56 7.80 20.09
CA LYS A 218 7.61 7.46 21.53
C LYS A 218 6.22 6.96 21.95
N ILE A 219 6.18 5.75 22.48
CA ILE A 219 4.97 5.09 22.92
C ILE A 219 5.10 4.87 24.42
N LYS A 220 4.16 5.40 25.18
CA LYS A 220 4.05 5.08 26.61
C LYS A 220 2.89 4.08 26.78
N GLY A 221 3.23 2.86 27.13
CA GLY A 221 2.25 1.80 27.18
C GLY A 221 1.12 2.12 28.15
N VAL A 222 -0.06 1.62 27.84
CA VAL A 222 -1.25 1.77 28.73
C VAL A 222 -1.72 0.35 29.08
N LYS A 223 -2.53 0.18 30.13
CA LYS A 223 -2.85 -1.22 30.54
C LYS A 223 -3.95 -1.80 29.65
N GLU A 224 -4.77 -0.95 29.07
CA GLU A 224 -5.90 -1.43 28.33
C GLU A 224 -6.33 -0.38 27.33
N LEU A 225 -6.87 -0.86 26.22
CA LEU A 225 -7.40 -0.01 25.14
C LEU A 225 -8.87 -0.36 24.88
N LYS A 226 -9.63 0.56 24.33
CA LYS A 226 -11.05 0.41 24.12
C LYS A 226 -11.39 0.70 22.65
N GLY A 227 -12.39 0.01 22.14
CA GLY A 227 -12.80 0.20 20.74
C GLY A 227 -13.13 1.64 20.47
N ALA A 228 -12.86 2.13 19.24
CA ALA A 228 -13.11 3.53 18.92
C ALA A 228 -13.56 3.58 17.46
N GLU A 229 -14.20 4.69 17.11
CA GLU A 229 -14.53 4.99 15.74
C GLU A 229 -13.37 5.74 15.07
N HIS A 230 -13.03 5.35 13.83
CA HIS A 230 -11.92 5.97 13.07
C HIS A 230 -12.31 6.15 11.61
N ASN A 231 -11.92 7.28 11.05
CA ASN A 231 -12.08 7.53 9.63
C ASN A 231 -10.71 7.33 8.96
N VAL A 232 -10.59 6.32 8.13
CA VAL A 232 -9.32 5.96 7.45
C VAL A 232 -8.95 7.05 6.43
N ILE A 233 -7.66 7.34 6.30
CA ILE A 233 -7.23 8.33 5.31
C ILE A 233 -7.48 7.78 3.89
N PRO A 234 -7.52 8.67 2.91
CA PRO A 234 -7.69 8.30 1.52
C PRO A 234 -6.45 7.58 0.96
N ASP A 235 -6.67 6.75 -0.06
CA ASP A 235 -5.60 5.98 -0.71
C ASP A 235 -4.71 6.90 -1.59
N ARG A 236 -3.55 7.31 -1.03
CA ARG A 236 -2.61 8.16 -1.79
C ARG A 236 -2.05 7.47 -3.05
N ILE A 237 -2.00 6.13 -3.11
CA ILE A 237 -1.41 5.46 -4.25
C ILE A 237 -2.46 5.34 -5.37
N GLU A 238 -3.70 5.05 -4.98
CA GLU A 238 -4.77 5.11 -5.94
C GLU A 238 -4.84 6.53 -6.53
N ALA A 239 -4.74 7.54 -5.69
CA ALA A 239 -4.86 8.90 -6.20
C ALA A 239 -3.77 9.15 -7.27
N ALA A 240 -2.55 8.76 -6.91
CA ALA A 240 -1.39 8.92 -7.76
C ALA A 240 -1.59 8.18 -9.07
N THR A 241 -2.23 7.03 -8.98
CA THR A 241 -2.44 6.22 -10.17
C THR A 241 -3.29 7.03 -11.17
N TYR A 242 -4.33 7.70 -10.67
CA TYR A 242 -5.21 8.47 -11.58
C TYR A 242 -4.54 9.75 -12.05
N MET A 243 -3.70 10.33 -11.21
CA MET A 243 -2.93 11.50 -11.58
C MET A 243 -1.96 11.14 -12.71
N VAL A 244 -1.29 10.00 -12.59
CA VAL A 244 -0.46 9.57 -13.69
C VAL A 244 -1.31 9.35 -14.95
N ALA A 245 -2.47 8.72 -14.82
CA ALA A 245 -3.32 8.48 -15.99
C ALA A 245 -3.68 9.79 -16.71
N ALA A 246 -3.93 10.84 -15.96
CA ALA A 246 -4.17 12.17 -16.57
C ALA A 246 -2.97 12.64 -17.40
N ALA A 247 -1.79 12.46 -16.84
CA ALA A 247 -0.53 12.87 -17.47
C ALA A 247 -0.35 12.08 -18.76
N MET A 248 -0.54 10.78 -18.67
CA MET A 248 -0.18 9.96 -19.82
C MET A 248 -1.17 10.19 -20.97
N THR A 249 -2.43 10.48 -20.67
CA THR A 249 -3.52 10.49 -21.69
C THR A 249 -3.75 11.93 -22.16
N LYS A 250 -2.98 12.83 -21.60
CA LYS A 250 -3.10 14.24 -21.86
C LYS A 250 -4.49 14.71 -21.49
N GLY A 251 -5.00 14.22 -20.36
CA GLY A 251 -6.32 14.52 -19.95
C GLY A 251 -6.37 15.61 -18.90
N ASP A 252 -7.49 15.67 -18.21
CA ASP A 252 -7.77 16.73 -17.26
C ASP A 252 -8.70 16.11 -16.22
N ILE A 253 -8.18 15.81 -15.06
CA ILE A 253 -8.86 14.95 -14.09
C ILE A 253 -8.83 15.66 -12.75
N THR A 254 -9.98 15.71 -12.10
CA THR A 254 -9.98 16.15 -10.69
C THR A 254 -10.11 14.91 -9.82
N VAL A 255 -9.10 14.74 -8.99
CA VAL A 255 -9.09 13.63 -8.05
C VAL A 255 -9.69 14.11 -6.73
N GLU A 256 -10.81 13.51 -6.33
CA GLU A 256 -11.58 13.99 -5.16
CA GLU A 256 -11.60 13.99 -5.17
C GLU A 256 -11.33 13.08 -3.95
N ASN A 257 -11.39 13.68 -2.76
CA ASN A 257 -11.30 13.03 -1.46
C ASN A 257 -9.85 12.57 -1.23
N VAL A 258 -8.92 13.52 -1.30
CA VAL A 258 -7.46 13.27 -1.14
C VAL A 258 -6.84 14.29 -0.19
N LEU A 259 -5.64 13.98 0.29
CA LEU A 259 -4.87 14.90 1.11
C LEU A 259 -3.56 15.21 0.40
N MET A 260 -3.40 16.46 -0.04
CA MET A 260 -2.23 16.96 -0.79
C MET A 260 -0.92 16.68 -0.06
N GLU A 261 -0.92 16.83 1.25
CA GLU A 261 0.25 16.53 2.06
C GLU A 261 0.83 15.14 1.77
N HIS A 262 -0.01 14.18 1.43
CA HIS A 262 0.44 12.80 1.26
C HIS A 262 0.93 12.53 -0.17
N LEU A 263 0.76 13.49 -1.10
CA LEU A 263 1.01 13.31 -2.52
C LEU A 263 2.19 14.17 -2.98
N LYS A 264 2.99 14.70 -2.05
CA LYS A 264 3.96 15.75 -2.37
C LYS A 264 4.91 15.30 -3.50
N PRO A 265 5.56 14.13 -3.33
CA PRO A 265 6.53 13.76 -4.33
C PRO A 265 5.91 13.46 -5.69
N VAL A 266 4.67 12.98 -5.71
CA VAL A 266 4.04 12.65 -6.98
C VAL A 266 3.64 13.93 -7.70
N VAL A 267 3.09 14.86 -6.95
CA VAL A 267 2.76 16.16 -7.49
C VAL A 267 4.04 16.82 -8.05
N ALA A 268 5.13 16.84 -7.28
CA ALA A 268 6.39 17.50 -7.74
C ALA A 268 6.91 16.87 -9.03
N LYS A 269 6.93 15.55 -9.11
CA LYS A 269 7.49 14.87 -10.28
C LYS A 269 6.57 15.01 -11.49
N LEU A 270 5.25 14.96 -11.31
CA LEU A 270 4.37 15.21 -12.45
C LEU A 270 4.51 16.65 -12.98
N ARG A 271 4.62 17.62 -12.10
CA ARG A 271 4.88 19.00 -12.51
C ARG A 271 6.23 19.06 -13.25
N GLU A 272 7.25 18.36 -12.77
CA GLU A 272 8.54 18.40 -13.48
CA GLU A 272 8.56 18.35 -13.46
C GLU A 272 8.37 17.76 -14.87
N ALA A 273 7.43 16.80 -15.02
CA ALA A 273 7.20 16.17 -16.31
C ALA A 273 6.39 17.06 -17.25
N GLY A 274 5.79 18.14 -16.74
CA GLY A 274 5.08 19.06 -17.61
C GLY A 274 3.62 19.27 -17.22
N CYS A 275 3.11 18.56 -16.21
CA CYS A 275 1.69 18.65 -15.88
C CYS A 275 1.42 19.98 -15.19
N GLU A 276 0.19 20.43 -15.34
CA GLU A 276 -0.31 21.59 -14.62
C GLU A 276 -1.24 21.08 -13.54
N ILE A 277 -0.85 21.30 -12.30
CA ILE A 277 -1.53 20.70 -11.19
C ILE A 277 -2.05 21.79 -10.27
N THR A 278 -3.33 21.64 -9.84
CA THR A 278 -3.97 22.60 -8.91
C THR A 278 -4.43 21.89 -7.64
N GLU A 279 -3.78 22.28 -6.56
CA GLU A 279 -3.94 21.66 -5.29
C GLU A 279 -5.06 22.39 -4.57
N MET A 280 -6.01 21.64 -4.06
CA MET A 280 -7.13 22.21 -3.33
C MET A 280 -7.25 21.44 -2.02
N ASP A 281 -8.26 21.80 -1.22
CA ASP A 281 -8.36 21.31 0.14
C ASP A 281 -8.64 19.81 0.14
N ASN A 282 -9.54 19.37 -0.70
CA ASN A 282 -9.96 17.98 -0.62
C ASN A 282 -9.74 17.31 -1.97
N SER A 283 -9.00 17.94 -2.87
CA SER A 283 -8.94 17.49 -4.26
C SER A 283 -7.74 18.11 -4.97
N VAL A 284 -7.38 17.54 -6.11
CA VAL A 284 -6.32 18.07 -6.93
C VAL A 284 -6.72 17.88 -8.39
N ARG A 285 -6.52 18.91 -9.18
CA ARG A 285 -6.72 18.83 -10.61
C ARG A 285 -5.36 18.63 -11.30
N VAL A 286 -5.31 17.66 -12.19
CA VAL A 286 -4.12 17.37 -13.01
C VAL A 286 -4.48 17.49 -14.48
N VAL A 287 -3.77 18.37 -15.17
CA VAL A 287 -3.87 18.51 -16.59
C VAL A 287 -2.56 18.05 -17.20
N GLY A 288 -2.63 17.11 -18.10
CA GLY A 288 -1.44 16.50 -18.68
C GLY A 288 -0.78 17.41 -19.71
N PRO A 289 0.53 17.31 -19.87
CA PRO A 289 1.26 18.14 -20.82
C PRO A 289 1.04 17.63 -22.24
N LYS A 290 1.38 18.47 -23.20
CA LYS A 290 1.26 18.03 -24.58
C LYS A 290 2.46 17.15 -24.92
N VAL A 291 3.63 17.58 -24.44
CA VAL A 291 4.81 16.75 -24.52
C VAL A 291 5.28 16.45 -23.09
N LEU A 292 5.37 15.18 -22.80
CA LEU A 292 5.94 14.71 -21.56
C LEU A 292 7.44 14.96 -21.58
N LYS A 293 7.93 15.64 -20.56
CA LYS A 293 9.36 15.85 -20.37
C LYS A 293 9.91 14.62 -19.64
N PRO A 294 11.01 14.06 -20.12
CA PRO A 294 11.61 12.97 -19.36
C PRO A 294 12.05 13.46 -17.97
N ILE A 295 11.90 12.61 -16.96
CA ILE A 295 12.28 12.90 -15.58
C ILE A 295 12.99 11.66 -15.05
N ASP A 296 13.69 11.79 -13.96
CA ASP A 296 14.25 10.63 -13.30
C ASP A 296 13.51 10.42 -11.99
N ILE A 297 13.36 9.20 -11.54
CA ILE A 297 12.85 8.99 -10.21
C ILE A 297 13.75 7.99 -9.49
N LYS A 298 13.74 8.17 -8.20
CA LYS A 298 14.45 7.34 -7.30
C LYS A 298 13.51 7.03 -6.14
N THR A 299 13.20 5.76 -5.97
CA THR A 299 12.25 5.40 -4.92
C THR A 299 13.00 5.45 -3.59
N LEU A 300 12.29 5.93 -2.57
CA LEU A 300 12.84 6.11 -1.24
C LEU A 300 11.73 6.07 -0.19
N PRO A 301 12.11 5.84 1.07
CA PRO A 301 11.18 6.05 2.17
C PRO A 301 10.50 7.42 2.08
N HIS A 302 9.23 7.46 2.45
CA HIS A 302 8.44 8.72 2.52
C HIS A 302 9.19 9.77 3.34
N PRO A 303 9.23 11.03 2.88
CA PRO A 303 8.52 11.56 1.69
C PRO A 303 9.27 11.57 0.36
N GLY A 304 10.17 10.62 0.22
CA GLY A 304 10.77 10.34 -1.03
C GLY A 304 9.74 9.70 -1.93
N PHE A 305 10.12 9.49 -3.16
CA PHE A 305 9.19 9.00 -4.16
C PHE A 305 8.77 7.56 -3.83
N PRO A 306 7.47 7.29 -3.87
CA PRO A 306 7.01 6.00 -3.37
C PRO A 306 7.24 4.88 -4.39
N THR A 307 7.76 3.77 -3.90
CA THR A 307 7.98 2.57 -4.75
C THR A 307 6.63 2.07 -5.30
N ASP A 308 5.55 2.34 -4.58
CA ASP A 308 4.21 1.89 -5.06
C ASP A 308 3.73 2.68 -6.28
N VAL A 309 4.45 3.72 -6.73
CA VAL A 309 4.05 4.42 -7.95
C VAL A 309 5.16 4.30 -9.01
N GLN A 310 6.14 3.48 -8.71
CA GLN A 310 7.31 3.35 -9.58
C GLN A 310 6.93 2.76 -10.94
N ALA A 311 6.23 1.64 -10.97
CA ALA A 311 5.86 1.03 -12.25
C ALA A 311 5.00 1.99 -13.09
N GLN A 312 4.11 2.71 -12.42
CA GLN A 312 3.17 3.59 -13.10
C GLN A 312 3.93 4.79 -13.70
N PHE A 313 4.88 5.35 -12.96
CA PHE A 313 5.71 6.44 -13.52
C PHE A 313 6.63 5.92 -14.63
N MET A 314 7.12 4.70 -14.52
CA MET A 314 7.90 4.09 -15.61
C MET A 314 7.06 4.05 -16.88
N ALA A 315 5.78 3.66 -16.73
CA ALA A 315 4.93 3.53 -17.88
C ALA A 315 4.79 4.90 -18.57
N MET A 316 4.58 5.96 -17.78
CA MET A 316 4.52 7.33 -18.29
C MET A 316 5.82 7.66 -19.08
N LEU A 317 6.97 7.24 -18.53
CA LEU A 317 8.27 7.57 -19.13
C LEU A 317 8.47 6.82 -20.46
N THR A 318 7.76 5.73 -20.73
CA THR A 318 8.01 5.02 -21.97
C THR A 318 7.68 5.85 -23.20
N VAL A 319 6.84 6.90 -23.09
CA VAL A 319 6.56 7.78 -24.25
C VAL A 319 7.00 9.22 -23.98
N ALA A 320 7.83 9.43 -22.97
CA ALA A 320 8.37 10.75 -22.71
C ALA A 320 9.36 11.12 -23.82
N ASN A 321 9.62 12.41 -23.92
CA ASN A 321 10.44 13.00 -24.95
C ASN A 321 11.93 12.92 -24.60
N GLY A 322 12.49 11.72 -24.47
CA GLY A 322 13.89 11.60 -24.05
C GLY A 322 14.11 10.42 -23.13
N THR A 323 15.17 10.53 -22.36
CA THR A 323 15.65 9.45 -21.55
C THR A 323 15.38 9.77 -20.08
N GLY A 324 14.69 8.85 -19.38
CA GLY A 324 14.52 8.90 -17.96
C GLY A 324 15.14 7.69 -17.28
N VAL A 325 15.58 7.89 -16.06
CA VAL A 325 16.14 6.78 -15.33
C VAL A 325 15.28 6.52 -14.08
N VAL A 326 14.95 5.25 -13.87
CA VAL A 326 14.23 4.83 -12.67
C VAL A 326 15.19 4.03 -11.78
N ILE A 327 15.29 4.41 -10.53
CA ILE A 327 16.10 3.70 -9.55
C ILE A 327 15.19 3.27 -8.40
N GLU A 328 15.22 1.99 -8.16
CA GLU A 328 14.41 1.36 -7.16
C GLU A 328 15.35 1.06 -5.99
N THR A 329 15.28 1.82 -4.90
CA THR A 329 16.11 1.53 -3.74
C THR A 329 15.35 0.76 -2.67
N VAL A 330 14.02 0.63 -2.79
CA VAL A 330 13.26 0.10 -1.66
C VAL A 330 13.11 -1.41 -1.79
N PHE A 331 12.76 -1.90 -2.99
CA PHE A 331 12.53 -3.30 -3.21
C PHE A 331 13.60 -3.89 -4.14
N GLU A 332 13.84 -5.21 -4.04
CA GLU A 332 14.99 -5.85 -4.77
C GLU A 332 14.63 -6.10 -6.25
N ASN A 333 13.57 -6.91 -6.45
CA ASN A 333 13.06 -7.31 -7.74
C ASN A 333 11.73 -6.60 -8.01
N ARG A 334 11.74 -5.27 -8.15
CA ARG A 334 10.47 -4.63 -8.52
C ARG A 334 10.58 -4.12 -9.98
N PHE A 335 11.13 -4.94 -10.87
CA PHE A 335 11.19 -4.62 -12.31
C PHE A 335 10.55 -5.74 -13.16
N MET A 336 9.78 -6.66 -12.57
CA MET A 336 9.24 -7.80 -13.34
C MET A 336 8.31 -7.29 -14.47
N HIS A 337 7.73 -6.09 -14.34
CA HIS A 337 6.85 -5.51 -15.36
C HIS A 337 7.61 -5.07 -16.62
N VAL A 338 8.92 -4.86 -16.52
CA VAL A 338 9.69 -4.31 -17.65
C VAL A 338 9.51 -5.12 -18.94
N ALA A 339 9.63 -6.44 -18.87
CA ALA A 339 9.46 -7.30 -20.05
C ALA A 339 8.07 -7.15 -20.66
N GLU A 340 7.05 -6.87 -19.85
CA GLU A 340 5.73 -6.68 -20.36
C GLU A 340 5.59 -5.31 -21.04
N PHE A 341 6.19 -4.28 -20.45
CA PHE A 341 6.23 -2.98 -21.11
C PHE A 341 6.97 -3.11 -22.44
N ASN A 342 8.02 -3.91 -22.45
CA ASN A 342 8.76 -4.09 -23.69
C ASN A 342 7.88 -4.79 -24.75
N ARG A 343 7.03 -5.74 -24.39
CA ARG A 343 6.11 -6.36 -25.37
C ARG A 343 5.21 -5.32 -26.03
N MET A 344 4.93 -4.24 -25.36
CA MET A 344 4.08 -3.18 -25.89
C MET A 344 4.90 -2.12 -26.64
N GLY A 345 6.19 -2.37 -26.85
CA GLY A 345 7.01 -1.54 -27.70
C GLY A 345 7.84 -0.53 -26.92
N ALA A 346 7.93 -0.63 -25.57
CA ALA A 346 8.83 0.25 -24.80
C ALA A 346 10.29 -0.06 -25.11
N ASN A 347 11.15 0.83 -24.68
CA ASN A 347 12.58 0.65 -24.85
C ASN A 347 13.21 0.88 -23.48
N ILE A 348 13.26 -0.23 -22.73
CA ILE A 348 13.71 -0.21 -21.37
C ILE A 348 14.81 -1.24 -21.17
N LYS A 349 15.87 -0.78 -20.56
CA LYS A 349 17.00 -1.65 -20.27
C LYS A 349 17.34 -1.53 -18.78
N ILE A 350 17.53 -2.64 -18.09
CA ILE A 350 17.81 -2.57 -16.66
C ILE A 350 19.21 -3.14 -16.40
N ASP A 351 19.82 -2.61 -15.35
CA ASP A 351 20.99 -3.25 -14.77
C ASP A 351 20.96 -2.95 -13.28
N GLY A 352 20.98 -3.97 -12.43
CA GLY A 352 20.93 -3.75 -11.01
C GLY A 352 19.62 -3.10 -10.61
N ARG A 353 19.69 -1.99 -9.91
CA ARG A 353 18.48 -1.37 -9.41
C ARG A 353 18.07 -0.21 -10.32
N SER A 354 18.65 -0.07 -11.52
CA SER A 354 18.31 1.06 -12.37
C SER A 354 17.80 0.56 -13.70
N ALA A 355 16.82 1.31 -14.18
CA ALA A 355 16.19 1.08 -15.45
C ALA A 355 16.32 2.35 -16.28
N VAL A 356 16.84 2.19 -17.48
CA VAL A 356 16.97 3.28 -18.41
C VAL A 356 15.81 3.22 -19.41
N VAL A 357 14.98 4.24 -19.40
CA VAL A 357 13.82 4.26 -20.26
C VAL A 357 14.10 5.25 -21.39
N ASN A 358 14.03 4.76 -22.61
CA ASN A 358 14.27 5.62 -23.75
C ASN A 358 12.94 5.86 -24.43
N GLY A 359 12.42 7.07 -24.36
CA GLY A 359 11.01 7.31 -24.77
C GLY A 359 10.78 6.93 -26.21
N VAL A 360 9.65 6.27 -26.51
CA VAL A 360 9.29 5.91 -27.91
C VAL A 360 8.12 6.78 -28.41
N ASP A 361 7.86 6.75 -29.72
CA ASP A 361 6.77 7.54 -30.34
C ASP A 361 5.45 7.11 -29.70
N GLU A 362 5.20 5.83 -29.70
CA GLU A 362 3.98 5.32 -29.05
C GLU A 362 4.12 3.83 -28.77
N LEU A 363 3.29 3.38 -27.83
CA LEU A 363 3.13 1.98 -27.49
C LEU A 363 2.11 1.35 -28.43
N HIS A 364 2.16 0.03 -28.48
CA HIS A 364 1.28 -0.74 -29.34
C HIS A 364 0.66 -1.85 -28.51
N GLY A 365 -0.65 -2.00 -28.64
CA GLY A 365 -1.35 -2.98 -27.85
C GLY A 365 -0.82 -4.40 -28.00
N ALA A 366 -0.83 -5.15 -26.90
CA ALA A 366 -0.40 -6.51 -26.95
C ALA A 366 -0.99 -7.29 -25.76
N ALA A 367 -0.88 -8.60 -25.81
CA ALA A 367 -1.21 -9.46 -24.70
C ALA A 367 -0.08 -9.39 -23.67
N VAL A 368 -0.44 -9.02 -22.44
CA VAL A 368 0.48 -8.78 -21.34
C VAL A 368 -0.11 -9.43 -20.10
N ASN A 369 0.75 -9.68 -19.14
CA ASN A 369 0.35 -10.22 -17.79
C ASN A 369 0.73 -9.24 -16.68
N ALA A 370 -0.21 -8.95 -15.80
CA ALA A 370 0.15 -8.25 -14.58
C ALA A 370 1.06 -9.17 -13.76
N THR A 371 2.12 -8.61 -13.21
CA THR A 371 3.10 -9.34 -12.35
C THR A 371 2.85 -9.05 -10.86
N ASP A 372 2.11 -7.99 -10.59
CA ASP A 372 1.86 -7.56 -9.22
C ASP A 372 0.87 -6.40 -9.27
N LEU A 373 0.45 -5.93 -8.12
CA LEU A 373 -0.65 -4.98 -7.99
C LEU A 373 -0.35 -3.68 -8.73
N ARG A 374 0.78 -3.03 -8.45
CA ARG A 374 0.99 -1.71 -8.98
C ARG A 374 1.40 -1.79 -10.47
N ALA A 375 2.16 -2.82 -10.83
CA ALA A 375 2.50 -3.04 -12.24
C ALA A 375 1.26 -3.35 -13.08
N GLY A 376 0.30 -4.11 -12.55
CA GLY A 376 -0.93 -4.35 -13.33
C GLY A 376 -1.65 -3.04 -13.64
N ALA A 377 -1.72 -2.18 -12.65
CA ALA A 377 -2.37 -0.88 -12.87
C ALA A 377 -1.58 -0.09 -13.91
N ALA A 378 -0.26 -0.20 -13.86
CA ALA A 378 0.56 0.45 -14.85
C ALA A 378 0.28 -0.11 -16.25
N LEU A 379 -0.05 -1.41 -16.39
CA LEU A 379 -0.33 -1.95 -17.72
C LEU A 379 -1.65 -1.41 -18.25
N ILE A 380 -2.57 -1.10 -17.34
CA ILE A 380 -3.83 -0.47 -17.73
C ILE A 380 -3.53 0.92 -18.29
N LEU A 381 -2.62 1.66 -17.65
CA LEU A 381 -2.22 3.00 -18.13
C LEU A 381 -1.56 2.89 -19.51
N CYS A 382 -0.71 1.87 -19.68
CA CYS A 382 -0.12 1.64 -21.00
C CYS A 382 -1.22 1.37 -22.02
N GLY A 383 -2.19 0.55 -21.66
CA GLY A 383 -3.22 0.17 -22.60
C GLY A 383 -4.11 1.34 -22.99
N LEU A 384 -4.26 2.35 -22.14
CA LEU A 384 -5.04 3.54 -22.49
C LEU A 384 -4.40 4.35 -23.61
N ILE A 385 -3.08 4.31 -23.74
CA ILE A 385 -2.41 5.14 -24.73
C ILE A 385 -1.88 4.26 -25.86
N ALA A 386 -1.89 2.95 -25.71
CA ALA A 386 -1.31 2.11 -26.76
C ALA A 386 -2.28 1.96 -27.93
N GLU A 387 -1.70 1.95 -29.14
CA GLU A 387 -2.45 1.84 -30.36
C GLU A 387 -3.11 0.46 -30.40
N GLY A 388 -4.39 0.41 -30.80
CA GLY A 388 -5.13 -0.85 -30.82
C GLY A 388 -5.73 -1.21 -29.46
N GLU A 389 -5.46 -2.42 -29.03
CA GLU A 389 -6.11 -3.05 -27.93
C GLU A 389 -5.07 -3.84 -27.11
N THR A 390 -5.19 -3.76 -25.81
CA THR A 390 -4.28 -4.43 -24.91
C THR A 390 -5.12 -5.43 -24.11
N GLN A 391 -4.65 -6.65 -23.99
CA GLN A 391 -5.31 -7.66 -23.19
CA GLN A 391 -5.33 -7.66 -23.18
C GLN A 391 -4.43 -7.99 -21.99
N ILE A 392 -4.89 -7.72 -20.78
CA ILE A 392 -4.12 -7.94 -19.56
C ILE A 392 -4.64 -9.17 -18.82
N GLY A 393 -3.73 -10.13 -18.55
CA GLY A 393 -4.06 -11.34 -17.80
C GLY A 393 -3.57 -11.24 -16.36
N GLU A 394 -3.85 -12.27 -15.57
CA GLU A 394 -3.54 -12.32 -14.13
C GLU A 394 -4.04 -11.07 -13.41
N ILE A 395 -5.31 -10.77 -13.61
CA ILE A 395 -5.90 -9.53 -13.16
C ILE A 395 -6.22 -9.59 -11.67
N TYR A 396 -6.16 -10.75 -11.03
CA TYR A 396 -6.37 -10.75 -9.55
C TYR A 396 -5.38 -9.83 -8.82
N HIS A 397 -4.16 -9.67 -9.34
CA HIS A 397 -3.16 -8.75 -8.79
C HIS A 397 -3.76 -7.35 -8.65
N ILE A 398 -4.47 -6.90 -9.68
CA ILE A 398 -5.04 -5.55 -9.74
C ILE A 398 -6.22 -5.43 -8.79
N GLN A 399 -7.10 -6.41 -8.88
CA GLN A 399 -8.40 -6.40 -8.22
C GLN A 399 -8.24 -6.48 -6.71
N ARG A 400 -7.13 -7.02 -6.23
CA ARG A 400 -6.95 -7.09 -4.79
C ARG A 400 -6.73 -5.70 -4.17
N GLY A 401 -6.27 -4.68 -4.92
CA GLY A 401 -5.93 -3.39 -4.29
C GLY A 401 -6.49 -2.14 -4.97
N TYR A 402 -7.28 -2.24 -6.05
CA TYR A 402 -7.97 -1.11 -6.63
C TYR A 402 -9.48 -1.37 -6.61
N VAL A 403 -10.25 -0.42 -6.10
CA VAL A 403 -11.71 -0.53 -6.20
C VAL A 403 -12.19 -0.09 -7.59
N ASP A 404 -12.82 -1.02 -8.32
CA ASP A 404 -13.58 -0.73 -9.56
C ASP A 404 -12.80 0.16 -10.54
N ILE A 405 -11.61 -0.28 -10.86
CA ILE A 405 -10.74 0.51 -11.73
C ILE A 405 -11.43 0.64 -13.10
N ASP A 406 -12.13 -0.43 -13.54
CA ASP A 406 -12.92 -0.38 -14.81
C ASP A 406 -13.99 0.73 -14.75
N LYS A 407 -14.77 0.77 -13.67
CA LYS A 407 -15.86 1.74 -13.60
C LYS A 407 -15.31 3.17 -13.50
N LYS A 408 -14.25 3.38 -12.73
CA LYS A 408 -13.72 4.72 -12.52
C LYS A 408 -13.10 5.26 -13.83
N ILE A 409 -12.41 4.41 -14.57
CA ILE A 409 -11.78 4.84 -15.79
C ILE A 409 -12.88 5.00 -16.85
N THR A 410 -13.87 4.11 -16.85
CA THR A 410 -15.02 4.27 -17.75
C THR A 410 -15.69 5.63 -17.51
N ALA A 411 -15.90 6.02 -16.25
CA ALA A 411 -16.54 7.32 -16.00
C ALA A 411 -15.63 8.47 -16.41
N LEU A 412 -14.33 8.27 -16.60
CA LEU A 412 -13.47 9.39 -17.08
C LEU A 412 -13.31 9.35 -18.62
N GLY A 413 -13.98 8.44 -19.28
CA GLY A 413 -14.05 8.42 -20.74
C GLY A 413 -13.15 7.37 -21.37
N GLY A 414 -12.47 6.53 -20.57
CA GLY A 414 -11.62 5.46 -21.14
C GLY A 414 -12.40 4.23 -21.53
N GLN A 415 -11.81 3.44 -22.40
CA GLN A 415 -12.39 2.20 -22.89
CA GLN A 415 -12.38 2.20 -22.94
C GLN A 415 -11.69 1.02 -22.22
N ILE A 416 -12.38 0.40 -21.28
CA ILE A 416 -11.83 -0.69 -20.47
C ILE A 416 -12.97 -1.62 -20.08
N GLU A 417 -12.68 -2.90 -20.03
CA GLU A 417 -13.66 -3.86 -19.66
C GLU A 417 -12.98 -5.08 -19.01
N ILE A 418 -13.54 -5.57 -17.91
CA ILE A 418 -13.13 -6.85 -17.32
C ILE A 418 -13.95 -7.95 -17.97
N VAL A 419 -13.34 -8.97 -18.55
CA VAL A 419 -14.13 -10.07 -19.10
C VAL A 419 -13.75 -11.37 -18.37
N GLU A 420 -14.75 -12.24 -18.25
CA GLU A 420 -14.69 -13.46 -17.40
C GLU A 420 -14.62 -14.70 -18.30
#